data_3HY5
#
_entry.id   3HY5
#
_cell.length_a   71.930
_cell.length_b   71.930
_cell.length_c   303.160
_cell.angle_alpha   90.000
_cell.angle_beta   90.000
_cell.angle_gamma   120.000
#
_symmetry.space_group_name_H-M   'P 65 2 2'
#
loop_
_entity.id
_entity.type
_entity.pdbx_description
1 polymer 'Retinaldehyde-binding protein 1'
2 non-polymer RETINAL
3 non-polymer 'L(+)-TARTARIC ACID'
#
_entity_poly.entity_id   1
_entity_poly.type   'polypeptide(L)'
_entity_poly.pdbx_seq_one_letter_code
;SEGVGTFRMVPEEEQELRAQLEQLTTKDHGPVFGPCSQLPRHTLQKAKDELNEREETREEAVRELQEMVQAQAASGEELA
VAVAERVQEKDSGFFLRFIRARKFNVGRAYELLRGYVNFRLQYPELFDSLSPEAVRCTIEAGYPGVLSSRDKYGRVVMLF
NIENWQSQEITFDEILQAYCFILEKLLENEETQINGFCIIENFKGFTMQQAASLRTSDLRKMVDMLQDSFPARFKAIHFI
HQPWYFTTTYNVVKPFLKSKLLERVFVHGDDLSGFYQEIDENILPSDFGGTLPKYDGKAVAEQLFGPQAQAENTAF
;
_entity_poly.pdbx_strand_id   A
#
loop_
_chem_comp.id
_chem_comp.type
_chem_comp.name
_chem_comp.formula
RET non-polymer RETINAL 'C20 H28 O'
TLA non-polymer 'L(+)-TARTARIC ACID' 'C4 H6 O6'
#
# COMPACT_ATOMS: atom_id res chain seq x y z
N GLU A 22 16.20 5.33 -15.34
CA GLU A 22 16.76 6.58 -14.84
C GLU A 22 16.35 7.75 -15.73
N GLN A 23 16.88 8.93 -15.43
CA GLN A 23 16.56 10.14 -16.18
C GLN A 23 15.07 10.45 -16.05
N LEU A 24 14.57 10.34 -14.83
CA LEU A 24 13.16 10.57 -14.53
C LEU A 24 13.05 11.39 -13.26
N THR A 25 12.51 12.59 -13.37
CA THR A 25 12.39 13.47 -12.21
C THR A 25 11.10 13.20 -11.43
N THR A 26 11.16 13.40 -10.12
CA THR A 26 10.02 13.19 -9.23
C THR A 26 8.75 13.76 -9.83
N LYS A 27 8.90 14.85 -10.57
CA LYS A 27 7.76 15.57 -11.08
C LYS A 27 7.05 14.85 -12.21
N ASP A 28 7.84 14.18 -13.05
CA ASP A 28 7.35 13.58 -14.31
C ASP A 28 6.03 12.82 -14.25
N HIS A 29 5.60 12.47 -13.04
CA HIS A 29 4.41 11.65 -12.85
C HIS A 29 3.18 12.48 -12.47
N GLY A 30 1.99 11.97 -12.78
CA GLY A 30 0.75 12.67 -12.51
C GLY A 30 0.40 12.86 -11.04
N PRO A 31 -0.81 13.37 -10.76
CA PRO A 31 -1.18 13.73 -9.40
C PRO A 31 -1.60 12.50 -8.60
N VAL A 32 -1.27 12.49 -7.31
CA VAL A 32 -1.85 11.55 -6.38
C VAL A 32 -3.33 11.94 -6.24
N PHE A 33 -4.15 11.03 -5.73
CA PHE A 33 -5.55 11.35 -5.40
C PHE A 33 -6.48 11.36 -6.60
N GLY A 34 -6.30 12.32 -7.49
CA GLY A 34 -7.13 12.43 -8.67
C GLY A 34 -7.07 11.19 -9.53
N PRO A 35 -8.24 10.67 -9.92
CA PRO A 35 -8.28 9.56 -10.89
C PRO A 35 -7.40 9.91 -12.08
N CYS A 36 -6.63 8.95 -12.58
CA CYS A 36 -5.72 9.20 -13.70
C CYS A 36 -6.49 9.75 -14.90
N SER A 37 -5.79 10.47 -15.78
CA SER A 37 -6.40 11.03 -16.98
C SER A 37 -5.82 10.42 -18.24
N GLN A 38 -4.50 10.36 -18.32
CA GLN A 38 -3.82 9.83 -19.48
C GLN A 38 -2.76 8.81 -19.08
N LEU A 39 -2.15 8.18 -20.07
CA LEU A 39 -1.11 7.18 -19.83
C LEU A 39 0.29 7.68 -20.18
N PRO A 40 0.47 9.02 -20.26
CA PRO A 40 1.75 9.45 -20.80
C PRO A 40 2.80 9.30 -19.73
N ARG A 41 3.96 9.93 -19.94
CA ARG A 41 5.05 9.85 -18.98
C ARG A 41 5.65 8.45 -19.01
N HIS A 42 5.50 7.79 -20.16
CA HIS A 42 6.13 6.51 -20.45
C HIS A 42 5.85 5.40 -19.45
N THR A 43 4.96 5.65 -18.49
CA THR A 43 4.60 4.62 -17.52
C THR A 43 3.94 3.46 -18.23
N LEU A 44 3.16 3.76 -19.26
CA LEU A 44 2.49 2.73 -20.04
C LEU A 44 3.50 1.74 -20.60
N GLN A 45 4.66 2.25 -21.00
CA GLN A 45 5.74 1.39 -21.48
C GLN A 45 6.30 0.58 -20.33
N LYS A 46 6.44 1.22 -19.17
CA LYS A 46 6.92 0.53 -17.98
C LYS A 46 6.06 -0.69 -17.70
N ALA A 47 4.75 -0.50 -17.73
CA ALA A 47 3.81 -1.60 -17.52
C ALA A 47 3.99 -2.69 -18.59
N LYS A 48 4.16 -2.26 -19.84
CA LYS A 48 4.44 -3.18 -20.93
C LYS A 48 5.66 -4.02 -20.60
N ASP A 49 6.55 -3.46 -19.79
CA ASP A 49 7.76 -4.16 -19.38
C ASP A 49 7.51 -5.11 -18.20
N GLU A 50 6.25 -5.19 -17.76
CA GLU A 50 5.82 -6.27 -16.88
C GLU A 50 4.99 -7.22 -17.71
N LEU A 51 5.24 -7.19 -19.02
CA LEU A 51 4.57 -8.06 -19.97
C LEU A 51 3.21 -7.50 -20.43
N ASN A 52 2.98 -6.23 -20.15
CA ASN A 52 1.74 -5.57 -20.54
C ASN A 52 1.63 -5.36 -22.06
N GLU A 53 0.41 -5.52 -22.59
CA GLU A 53 0.14 -5.21 -23.98
C GLU A 53 -1.09 -4.31 -24.07
N ARG A 54 -0.92 -3.16 -24.71
CA ARG A 54 -1.98 -2.15 -24.78
C ARG A 54 -3.10 -2.59 -25.72
N GLU A 55 -2.77 -3.49 -26.64
CA GLU A 55 -3.61 -3.76 -27.79
C GLU A 55 -4.81 -4.67 -27.53
N GLU A 56 -4.56 -5.92 -27.17
CA GLU A 56 -5.64 -6.89 -27.10
C GLU A 56 -5.76 -7.59 -25.75
N THR A 57 -4.76 -7.40 -24.90
CA THR A 57 -4.70 -8.19 -23.68
C THR A 57 -5.69 -7.71 -22.64
N ARG A 58 -5.55 -6.45 -22.23
CA ARG A 58 -6.34 -5.92 -21.12
C ARG A 58 -7.80 -6.34 -21.20
N GLU A 59 -8.42 -6.18 -22.37
CA GLU A 59 -9.85 -6.42 -22.47
C GLU A 59 -10.19 -7.87 -22.10
N GLU A 60 -9.41 -8.79 -22.66
CA GLU A 60 -9.67 -10.22 -22.50
C GLU A 60 -9.34 -10.70 -21.10
N ALA A 61 -8.17 -10.30 -20.60
CA ALA A 61 -7.71 -10.71 -19.29
C ALA A 61 -8.82 -10.62 -18.25
N VAL A 62 -9.40 -9.43 -18.08
CA VAL A 62 -10.50 -9.24 -17.14
C VAL A 62 -11.62 -10.25 -17.35
N ARG A 63 -11.98 -10.47 -18.61
CA ARG A 63 -12.97 -11.47 -18.96
C ARG A 63 -12.51 -12.83 -18.42
N GLU A 64 -11.34 -13.26 -18.88
CA GLU A 64 -10.75 -14.52 -18.44
C GLU A 64 -10.83 -14.68 -16.92
N LEU A 65 -10.43 -13.64 -16.20
CA LEU A 65 -10.45 -13.67 -14.74
C LEU A 65 -11.84 -14.03 -14.22
N GLN A 66 -12.84 -13.25 -14.63
CA GLN A 66 -14.21 -13.51 -14.19
C GLN A 66 -14.68 -14.89 -14.63
N GLU A 67 -14.27 -15.29 -15.82
CA GLU A 67 -14.56 -16.63 -16.32
C GLU A 67 -13.95 -17.66 -15.37
N MET A 68 -12.77 -17.33 -14.86
CA MET A 68 -12.08 -18.19 -13.90
C MET A 68 -12.70 -18.05 -12.51
N VAL A 69 -13.01 -16.83 -12.10
CA VAL A 69 -13.64 -16.56 -10.82
C VAL A 69 -14.85 -17.45 -10.61
N GLN A 70 -15.80 -17.37 -11.53
CA GLN A 70 -17.05 -18.10 -11.43
C GLN A 70 -16.89 -19.59 -11.69
N ALA A 71 -16.05 -19.94 -12.65
CA ALA A 71 -15.77 -21.33 -12.95
C ALA A 71 -15.35 -22.06 -11.68
N GLN A 72 -14.38 -21.49 -10.97
CA GLN A 72 -13.87 -22.09 -9.75
C GLN A 72 -14.88 -22.02 -8.60
N ALA A 73 -15.86 -21.14 -8.75
CA ALA A 73 -16.93 -21.04 -7.76
C ALA A 73 -18.03 -22.06 -8.07
N ALA A 74 -18.10 -22.48 -9.32
CA ALA A 74 -19.08 -23.46 -9.76
C ALA A 74 -18.74 -24.86 -9.24
N SER A 75 -17.59 -24.99 -8.61
CA SER A 75 -17.16 -26.25 -8.03
C SER A 75 -17.74 -26.43 -6.64
N GLY A 76 -18.24 -25.34 -6.07
CA GLY A 76 -18.87 -25.39 -4.75
C GLY A 76 -17.90 -25.12 -3.62
N GLU A 77 -16.64 -24.84 -3.95
CA GLU A 77 -15.63 -24.57 -2.94
C GLU A 77 -15.96 -23.25 -2.21
N GLU A 78 -15.84 -23.27 -0.89
CA GLU A 78 -16.28 -22.15 -0.06
C GLU A 78 -15.65 -20.80 -0.43
N LEU A 79 -14.33 -20.76 -0.52
CA LEU A 79 -13.63 -19.50 -0.79
C LEU A 79 -13.96 -18.93 -2.16
N ALA A 80 -13.65 -19.70 -3.21
CA ALA A 80 -13.94 -19.27 -4.58
C ALA A 80 -15.36 -18.75 -4.69
N VAL A 81 -16.24 -19.29 -3.87
CA VAL A 81 -17.62 -18.83 -3.81
C VAL A 81 -17.69 -17.46 -3.14
N ALA A 82 -17.11 -17.35 -1.95
CA ALA A 82 -17.06 -16.08 -1.23
C ALA A 82 -16.61 -14.97 -2.18
N VAL A 83 -15.55 -15.24 -2.93
CA VAL A 83 -15.07 -14.32 -3.95
C VAL A 83 -16.18 -13.93 -4.90
N ALA A 84 -16.76 -14.93 -5.55
CA ALA A 84 -17.82 -14.73 -6.55
C ALA A 84 -18.92 -13.80 -6.03
N GLU A 85 -19.25 -13.92 -4.76
CA GLU A 85 -20.27 -13.07 -4.15
C GLU A 85 -19.78 -11.64 -4.00
N ARG A 86 -18.60 -11.48 -3.41
CA ARG A 86 -18.05 -10.15 -3.12
C ARG A 86 -17.81 -9.34 -4.39
N VAL A 87 -17.39 -10.00 -5.46
CA VAL A 87 -17.02 -9.30 -6.68
C VAL A 87 -18.12 -9.33 -7.74
N GLN A 88 -19.29 -9.82 -7.35
CA GLN A 88 -20.39 -9.97 -8.30
C GLN A 88 -20.78 -8.65 -8.96
N GLU A 89 -20.46 -7.55 -8.30
CA GLU A 89 -20.80 -6.22 -8.83
C GLU A 89 -19.59 -5.30 -8.83
N LYS A 90 -18.66 -5.54 -9.74
CA LYS A 90 -17.43 -4.77 -9.82
C LYS A 90 -17.13 -4.38 -11.26
N ASP A 91 -16.78 -3.12 -11.48
CA ASP A 91 -16.44 -2.64 -12.81
C ASP A 91 -15.23 -3.40 -13.37
N SER A 92 -14.93 -3.18 -14.64
CA SER A 92 -13.82 -3.87 -15.28
C SER A 92 -12.48 -3.35 -14.79
N GLY A 93 -12.44 -2.07 -14.44
CA GLY A 93 -11.23 -1.47 -13.89
C GLY A 93 -10.79 -2.13 -12.60
N PHE A 94 -11.77 -2.56 -11.80
CA PHE A 94 -11.53 -3.32 -10.58
C PHE A 94 -10.64 -4.51 -10.88
N PHE A 95 -11.15 -5.44 -11.69
CA PHE A 95 -10.45 -6.67 -12.01
C PHE A 95 -9.08 -6.40 -12.63
N LEU A 96 -8.96 -5.28 -13.34
CA LEU A 96 -7.70 -4.89 -13.95
C LEU A 96 -6.65 -4.64 -12.88
N ARG A 97 -7.08 -4.15 -11.73
CA ARG A 97 -6.17 -3.87 -10.63
C ARG A 97 -5.43 -5.15 -10.22
N PHE A 98 -6.15 -6.26 -10.18
CA PHE A 98 -5.55 -7.56 -9.87
C PHE A 98 -4.70 -8.10 -11.02
N ILE A 99 -5.14 -7.90 -12.26
CA ILE A 99 -4.34 -8.33 -13.40
C ILE A 99 -3.01 -7.58 -13.44
N ARG A 100 -3.07 -6.27 -13.28
CA ARG A 100 -1.87 -5.43 -13.32
C ARG A 100 -0.86 -5.80 -12.24
N ALA A 101 -1.36 -6.15 -11.06
CA ALA A 101 -0.48 -6.47 -9.93
C ALA A 101 0.21 -7.83 -10.04
N ARG A 102 -0.38 -8.75 -10.79
CA ARG A 102 0.21 -10.08 -10.97
C ARG A 102 0.85 -10.26 -12.34
N LYS A 103 1.42 -9.17 -12.86
CA LYS A 103 2.20 -9.23 -14.09
C LYS A 103 1.43 -9.84 -15.27
N PHE A 104 0.10 -9.70 -15.24
CA PHE A 104 -0.75 -10.15 -16.34
C PHE A 104 -0.89 -11.67 -16.41
N ASN A 105 -0.55 -12.34 -15.31
CA ASN A 105 -0.78 -13.77 -15.17
C ASN A 105 -2.17 -13.99 -14.58
N VAL A 106 -3.11 -14.41 -15.42
CA VAL A 106 -4.48 -14.60 -14.98
C VAL A 106 -4.56 -15.47 -13.72
N GLY A 107 -3.91 -16.63 -13.78
CA GLY A 107 -3.87 -17.55 -12.66
C GLY A 107 -3.41 -16.89 -11.37
N ARG A 108 -2.19 -16.36 -11.40
CA ARG A 108 -1.64 -15.62 -10.27
C ARG A 108 -2.62 -14.53 -9.86
N ALA A 109 -3.11 -13.78 -10.85
CA ALA A 109 -4.06 -12.71 -10.62
C ALA A 109 -5.26 -13.22 -9.82
N TYR A 110 -5.80 -14.35 -10.23
CA TYR A 110 -6.93 -14.93 -9.51
C TYR A 110 -6.54 -15.26 -8.07
N GLU A 111 -5.35 -15.82 -7.89
CA GLU A 111 -4.89 -16.18 -6.55
C GLU A 111 -4.85 -14.95 -5.64
N LEU A 112 -4.44 -13.81 -6.19
CA LEU A 112 -4.42 -12.57 -5.44
C LEU A 112 -5.83 -12.17 -5.03
N LEU A 113 -6.80 -12.45 -5.91
CA LEU A 113 -8.19 -12.19 -5.60
C LEU A 113 -8.68 -13.09 -4.47
N ARG A 114 -8.23 -14.34 -4.46
CA ARG A 114 -8.57 -15.27 -3.40
C ARG A 114 -8.05 -14.76 -2.06
N GLY A 115 -6.74 -14.48 -2.00
CA GLY A 115 -6.13 -13.98 -0.79
C GLY A 115 -6.68 -12.63 -0.38
N TYR A 116 -7.07 -11.85 -1.38
CA TYR A 116 -7.66 -10.53 -1.14
C TYR A 116 -8.93 -10.63 -0.30
N VAL A 117 -9.87 -11.43 -0.78
CA VAL A 117 -11.10 -11.69 -0.03
C VAL A 117 -10.79 -12.34 1.31
N ASN A 118 -9.90 -13.34 1.28
CA ASN A 118 -9.51 -14.07 2.47
C ASN A 118 -9.11 -13.15 3.62
N PHE A 119 -8.42 -12.07 3.30
CA PHE A 119 -7.95 -11.12 4.30
C PHE A 119 -9.11 -10.51 5.08
N ARG A 120 -10.10 -10.01 4.35
CA ARG A 120 -11.27 -9.43 4.99
C ARG A 120 -11.93 -10.43 5.93
N LEU A 121 -11.93 -11.70 5.53
CA LEU A 121 -12.54 -12.76 6.31
C LEU A 121 -11.77 -13.06 7.60
N GLN A 122 -10.46 -13.16 7.50
CA GLN A 122 -9.63 -13.40 8.68
C GLN A 122 -9.61 -12.21 9.61
N TYR A 123 -9.94 -11.04 9.06
CA TYR A 123 -9.92 -9.81 9.82
C TYR A 123 -11.22 -9.03 9.64
N PRO A 124 -12.23 -9.35 10.46
CA PRO A 124 -13.54 -8.70 10.42
C PRO A 124 -13.50 -7.25 10.89
N GLU A 125 -12.82 -7.01 12.00
CA GLU A 125 -12.82 -5.70 12.65
C GLU A 125 -12.47 -4.54 11.72
N LEU A 126 -11.60 -4.80 10.74
CA LEU A 126 -11.09 -3.74 9.88
C LEU A 126 -12.04 -3.35 8.74
N PHE A 127 -13.18 -4.01 8.64
CA PHE A 127 -14.08 -3.78 7.52
C PHE A 127 -15.57 -3.85 7.87
N ASP A 128 -15.89 -4.33 9.08
CA ASP A 128 -17.27 -4.57 9.45
C ASP A 128 -18.02 -3.32 9.92
N SER A 129 -17.67 -2.82 11.10
CA SER A 129 -18.35 -1.67 11.66
C SER A 129 -17.73 -0.35 11.20
N LEU A 130 -16.99 -0.42 10.10
CA LEU A 130 -16.28 0.74 9.59
C LEU A 130 -17.21 1.93 9.37
N SER A 131 -16.82 3.08 9.90
CA SER A 131 -17.59 4.31 9.74
C SER A 131 -16.77 5.35 8.98
N PRO A 132 -17.24 5.74 7.79
CA PRO A 132 -16.53 6.72 6.94
C PRO A 132 -16.15 7.95 7.75
N GLU A 133 -16.96 8.26 8.76
CA GLU A 133 -16.69 9.36 9.66
C GLU A 133 -15.49 9.05 10.55
N ALA A 134 -15.57 7.91 11.23
CA ALA A 134 -14.53 7.48 12.17
C ALA A 134 -13.17 7.38 11.50
N VAL A 135 -13.13 6.92 10.25
CA VAL A 135 -11.89 6.77 9.53
C VAL A 135 -11.24 8.13 9.27
N ARG A 136 -12.03 9.07 8.76
CA ARG A 136 -11.56 10.41 8.47
C ARG A 136 -10.83 10.99 9.68
N CYS A 137 -11.37 10.72 10.86
CA CYS A 137 -10.76 11.17 12.11
C CYS A 137 -9.30 10.70 12.20
N THR A 138 -9.08 9.42 11.94
CA THR A 138 -7.74 8.84 12.01
C THR A 138 -6.80 9.44 10.96
N ILE A 139 -7.29 9.54 9.74
CA ILE A 139 -6.49 10.04 8.62
C ILE A 139 -6.13 11.52 8.80
N GLU A 140 -7.02 12.26 9.44
CA GLU A 140 -6.74 13.64 9.79
C GLU A 140 -5.73 13.66 10.91
N ALA A 141 -5.79 12.65 11.77
CA ALA A 141 -4.82 12.51 12.86
C ALA A 141 -3.41 12.35 12.30
N GLY A 142 -3.31 11.91 11.05
CA GLY A 142 -2.04 11.80 10.37
C GLY A 142 -1.49 10.38 10.31
N TYR A 143 -2.31 9.41 10.75
CA TYR A 143 -1.88 8.02 10.72
C TYR A 143 -2.79 7.18 9.82
N PRO A 144 -2.27 6.80 8.64
CA PRO A 144 -0.92 7.15 8.20
C PRO A 144 -0.91 8.49 7.48
N GLY A 145 0.25 8.87 6.98
CA GLY A 145 0.37 10.03 6.13
C GLY A 145 0.46 9.60 4.67
N VAL A 146 0.25 10.53 3.76
CA VAL A 146 0.42 10.26 2.34
C VAL A 146 1.03 11.47 1.67
N LEU A 147 2.26 11.34 1.21
CA LEU A 147 2.87 12.39 0.42
C LEU A 147 1.92 12.82 -0.67
N SER A 148 1.69 14.13 -0.78
CA SER A 148 0.85 14.67 -1.84
C SER A 148 1.55 14.50 -3.19
N SER A 149 2.79 14.02 -3.15
CA SER A 149 3.58 13.85 -4.35
C SER A 149 4.12 12.43 -4.50
N ARG A 150 4.43 12.04 -5.73
CA ARG A 150 5.04 10.75 -5.99
C ARG A 150 6.55 10.89 -5.95
N ASP A 151 7.25 9.78 -5.70
CA ASP A 151 8.71 9.79 -5.74
C ASP A 151 9.16 9.86 -7.19
N LYS A 152 10.46 9.72 -7.42
CA LYS A 152 10.99 9.80 -8.78
C LYS A 152 10.56 8.63 -9.65
N TYR A 153 9.83 7.70 -9.05
CA TYR A 153 9.40 6.49 -9.76
C TYR A 153 7.90 6.52 -10.09
N GLY A 154 7.18 7.45 -9.47
CA GLY A 154 5.75 7.59 -9.68
C GLY A 154 4.94 6.82 -8.65
N ARG A 155 5.53 6.61 -7.48
CA ARG A 155 4.92 5.81 -6.43
C ARG A 155 4.32 6.67 -5.34
N VAL A 156 3.13 6.30 -4.87
CA VAL A 156 2.54 6.94 -3.71
C VAL A 156 3.44 6.68 -2.51
N VAL A 157 3.98 7.74 -1.94
CA VAL A 157 4.83 7.60 -0.77
C VAL A 157 3.99 7.75 0.50
N MET A 158 3.76 6.63 1.18
CA MET A 158 2.97 6.66 2.40
C MET A 158 3.87 6.90 3.61
N LEU A 159 3.31 7.49 4.65
CA LEU A 159 4.11 7.97 5.77
C LEU A 159 3.58 7.51 7.11
N PHE A 160 4.48 7.32 8.06
CA PHE A 160 4.12 7.09 9.45
C PHE A 160 5.18 7.67 10.38
N ASN A 161 4.72 8.43 11.36
CA ASN A 161 5.61 9.03 12.35
C ASN A 161 5.24 8.52 13.73
N ILE A 162 6.04 7.61 14.26
CA ILE A 162 5.71 6.95 15.53
C ILE A 162 5.95 7.86 16.72
N GLU A 163 6.82 8.84 16.57
CA GLU A 163 7.11 9.77 17.66
C GLU A 163 5.82 10.34 18.24
N ASN A 164 5.70 10.30 19.56
CA ASN A 164 4.52 10.82 20.25
C ASN A 164 3.26 9.99 20.04
N TRP A 165 3.39 8.87 19.34
CA TRP A 165 2.25 7.97 19.18
C TRP A 165 1.92 7.32 20.51
N GLN A 166 0.63 7.17 20.78
CA GLN A 166 0.16 6.55 22.01
C GLN A 166 -0.89 5.50 21.68
N SER A 167 -0.48 4.23 21.72
CA SER A 167 -1.32 3.12 21.28
C SER A 167 -2.69 3.07 21.94
N GLN A 168 -2.82 3.69 23.11
CA GLN A 168 -4.09 3.71 23.82
C GLN A 168 -5.07 4.71 23.22
N GLU A 169 -4.54 5.77 22.61
CA GLU A 169 -5.38 6.78 21.98
C GLU A 169 -5.82 6.34 20.58
N ILE A 170 -4.87 5.87 19.78
CA ILE A 170 -5.16 5.35 18.44
C ILE A 170 -4.70 3.91 18.31
N THR A 171 -5.65 3.01 18.09
CA THR A 171 -5.35 1.59 17.99
C THR A 171 -4.56 1.26 16.73
N PHE A 172 -3.66 0.28 16.84
CA PHE A 172 -2.92 -0.21 15.69
C PHE A 172 -3.91 -0.64 14.61
N ASP A 173 -5.09 -1.03 15.05
CA ASP A 173 -6.15 -1.45 14.14
C ASP A 173 -6.68 -0.27 13.34
N GLU A 174 -7.07 0.80 14.03
CA GLU A 174 -7.55 2.01 13.39
C GLU A 174 -6.56 2.47 12.33
N ILE A 175 -5.28 2.38 12.65
CA ILE A 175 -4.21 2.78 11.73
C ILE A 175 -4.21 1.91 10.48
N LEU A 176 -4.49 0.63 10.65
CA LEU A 176 -4.54 -0.30 9.52
C LEU A 176 -5.79 -0.06 8.67
N GLN A 177 -6.93 0.09 9.33
CA GLN A 177 -8.17 0.41 8.64
C GLN A 177 -7.97 1.63 7.74
N ALA A 178 -7.24 2.61 8.27
CA ALA A 178 -6.87 3.79 7.50
C ALA A 178 -6.09 3.39 6.26
N TYR A 179 -5.08 2.55 6.44
CA TYR A 179 -4.30 2.02 5.33
C TYR A 179 -5.23 1.41 4.28
N CYS A 180 -6.14 0.56 4.74
CA CYS A 180 -7.05 -0.14 3.85
C CYS A 180 -7.86 0.82 3.00
N PHE A 181 -8.43 1.83 3.64
CA PHE A 181 -9.20 2.85 2.95
C PHE A 181 -8.33 3.57 1.92
N ILE A 182 -7.21 4.11 2.40
CA ILE A 182 -6.29 4.85 1.55
C ILE A 182 -5.79 4.02 0.37
N LEU A 183 -5.78 2.70 0.54
CA LEU A 183 -5.39 1.83 -0.55
C LEU A 183 -6.53 1.65 -1.54
N GLU A 184 -7.71 1.30 -1.03
CA GLU A 184 -8.89 1.14 -1.88
C GLU A 184 -9.08 2.36 -2.76
N LYS A 185 -8.87 3.55 -2.17
CA LYS A 185 -9.05 4.80 -2.90
C LYS A 185 -7.94 5.04 -3.91
N LEU A 186 -6.71 5.18 -3.42
CA LEU A 186 -5.57 5.47 -4.28
C LEU A 186 -5.41 4.48 -5.43
N LEU A 187 -5.90 3.25 -5.23
CA LEU A 187 -5.79 2.23 -6.26
C LEU A 187 -6.75 2.47 -7.42
N GLU A 188 -7.63 3.46 -7.29
CA GLU A 188 -8.51 3.85 -8.38
C GLU A 188 -7.70 4.50 -9.48
N ASN A 189 -6.45 4.82 -9.16
CA ASN A 189 -5.56 5.52 -10.07
C ASN A 189 -4.59 4.56 -10.77
N GLU A 190 -4.82 4.33 -12.06
CA GLU A 190 -4.03 3.40 -12.84
C GLU A 190 -2.52 3.64 -12.76
N GLU A 191 -2.14 4.91 -12.65
CA GLU A 191 -0.74 5.27 -12.47
C GLU A 191 -0.19 4.57 -11.23
N THR A 192 -0.87 4.77 -10.11
CA THR A 192 -0.51 4.09 -8.86
C THR A 192 -0.43 2.59 -9.07
N GLN A 193 -1.43 2.04 -9.76
CA GLN A 193 -1.50 0.62 -10.02
C GLN A 193 -0.21 0.09 -10.64
N ILE A 194 0.45 0.92 -11.43
CA ILE A 194 1.62 0.47 -12.17
C ILE A 194 2.95 0.84 -11.50
N ASN A 195 2.98 1.93 -10.76
CA ASN A 195 4.22 2.37 -10.13
C ASN A 195 4.38 1.81 -8.72
N GLY A 196 3.26 1.54 -8.07
CA GLY A 196 3.27 0.93 -6.75
C GLY A 196 3.37 1.94 -5.63
N PHE A 197 3.68 1.45 -4.43
CA PHE A 197 3.77 2.29 -3.24
C PHE A 197 5.18 2.23 -2.64
N CYS A 198 5.42 3.07 -1.65
CA CYS A 198 6.71 3.13 -0.96
C CYS A 198 6.50 3.81 0.39
N ILE A 199 6.77 3.07 1.46
CA ILE A 199 6.46 3.52 2.82
C ILE A 199 7.66 4.10 3.55
N ILE A 200 7.48 5.26 4.18
CA ILE A 200 8.51 5.84 5.03
C ILE A 200 8.13 5.61 6.49
N GLU A 201 9.11 5.19 7.29
CA GLU A 201 8.86 4.93 8.70
C GLU A 201 9.76 5.78 9.56
N ASN A 202 9.20 6.85 10.12
CA ASN A 202 9.97 7.71 11.01
C ASN A 202 10.02 7.18 12.43
N PHE A 203 10.93 6.23 12.67
CA PHE A 203 11.13 5.69 14.01
C PHE A 203 12.14 6.51 14.81
N LYS A 204 11.97 7.82 14.81
CA LYS A 204 12.83 8.68 15.62
C LYS A 204 12.34 8.72 17.05
N GLY A 205 11.02 8.77 17.24
CA GLY A 205 10.43 8.81 18.56
C GLY A 205 10.12 7.45 19.13
N PHE A 206 10.57 6.40 18.44
CA PHE A 206 10.32 5.04 18.87
C PHE A 206 10.90 4.80 20.27
N THR A 207 10.04 4.44 21.21
CA THR A 207 10.46 4.20 22.58
C THR A 207 10.42 2.71 22.92
N MET A 208 11.21 2.31 23.92
CA MET A 208 11.19 0.94 24.40
C MET A 208 9.81 0.62 24.96
N GLN A 209 9.17 1.64 25.51
CA GLN A 209 7.82 1.51 26.05
C GLN A 209 6.85 1.17 24.93
N GLN A 210 7.18 1.64 23.73
CA GLN A 210 6.39 1.36 22.53
C GLN A 210 6.72 0.00 21.95
N ALA A 211 8.00 -0.34 21.93
CA ALA A 211 8.46 -1.62 21.39
C ALA A 211 7.76 -2.80 22.05
N ALA A 212 7.72 -2.79 23.38
CA ALA A 212 7.11 -3.87 24.14
C ALA A 212 5.58 -3.78 24.13
N SER A 213 5.06 -2.66 23.68
CA SER A 213 3.61 -2.47 23.63
C SER A 213 3.04 -2.88 22.27
N LEU A 214 3.84 -3.63 21.52
CA LEU A 214 3.43 -4.07 20.19
C LEU A 214 3.05 -5.54 20.17
N ARG A 215 1.78 -5.81 19.89
CA ARG A 215 1.29 -7.17 19.80
C ARG A 215 1.76 -7.83 18.50
N THR A 216 2.46 -8.95 18.62
CA THR A 216 2.89 -9.70 17.45
C THR A 216 1.69 -10.03 16.56
N SER A 217 0.55 -10.28 17.20
CA SER A 217 -0.70 -10.53 16.49
C SER A 217 -1.04 -9.38 15.55
N ASP A 218 -0.78 -8.16 16.02
CA ASP A 218 -1.03 -6.96 15.22
C ASP A 218 -0.03 -6.82 14.08
N LEU A 219 1.25 -7.02 14.37
CA LEU A 219 2.28 -6.95 13.35
C LEU A 219 1.98 -7.86 12.17
N ARG A 220 1.50 -9.07 12.47
CA ARG A 220 1.10 -10.00 11.41
C ARG A 220 -0.03 -9.40 10.58
N LYS A 221 -0.94 -8.72 11.26
CA LYS A 221 -2.06 -8.06 10.60
C LYS A 221 -1.53 -7.11 9.53
N MET A 222 -0.59 -6.26 9.93
CA MET A 222 0.03 -5.35 8.98
C MET A 222 0.71 -6.13 7.86
N VAL A 223 1.71 -6.92 8.22
CA VAL A 223 2.41 -7.75 7.24
C VAL A 223 1.44 -8.38 6.25
N ASP A 224 0.37 -8.98 6.78
CA ASP A 224 -0.62 -9.62 5.92
C ASP A 224 -1.15 -8.63 4.90
N MET A 225 -1.60 -7.48 5.35
CA MET A 225 -2.03 -6.42 4.45
C MET A 225 -1.01 -6.24 3.33
N LEU A 226 0.26 -6.13 3.70
CA LEU A 226 1.34 -5.91 2.73
C LEU A 226 1.55 -7.09 1.77
N GLN A 227 1.27 -8.31 2.23
CA GLN A 227 1.55 -9.50 1.41
C GLN A 227 0.32 -10.23 0.88
N ASP A 228 0.27 -10.40 -0.44
CA ASP A 228 -0.76 -11.20 -1.08
C ASP A 228 -2.16 -10.89 -0.53
N SER A 229 -2.43 -9.61 -0.28
CA SER A 229 -3.70 -9.21 0.27
C SER A 229 -4.36 -8.15 -0.62
N PHE A 230 -3.67 -7.02 -0.78
CA PHE A 230 -4.16 -5.94 -1.64
C PHE A 230 -3.42 -5.95 -2.97
N PRO A 231 -4.09 -5.51 -4.04
CA PRO A 231 -3.53 -5.54 -5.40
C PRO A 231 -2.53 -4.40 -5.61
N ALA A 232 -1.55 -4.31 -4.72
CA ALA A 232 -0.59 -3.22 -4.77
C ALA A 232 0.83 -3.75 -4.96
N ARG A 233 1.70 -2.88 -5.46
CA ARG A 233 3.11 -3.21 -5.59
C ARG A 233 3.91 -2.44 -4.53
N PHE A 234 4.17 -3.09 -3.40
CA PHE A 234 4.97 -2.45 -2.35
C PHE A 234 6.44 -2.63 -2.70
N LYS A 235 7.08 -1.54 -3.10
CA LYS A 235 8.40 -1.61 -3.71
C LYS A 235 9.54 -1.34 -2.75
N ALA A 236 9.23 -0.70 -1.63
CA ALA A 236 10.27 -0.32 -0.69
C ALA A 236 9.72 0.16 0.65
N ILE A 237 10.26 -0.38 1.73
CA ILE A 237 9.97 0.12 3.05
C ILE A 237 11.24 0.76 3.59
N HIS A 238 11.13 2.00 4.05
CA HIS A 238 12.27 2.72 4.59
C HIS A 238 12.10 3.00 6.09
N PHE A 239 13.16 2.78 6.84
CA PHE A 239 13.16 3.13 8.26
C PHE A 239 14.23 4.18 8.52
N ILE A 240 13.92 5.14 9.39
CA ILE A 240 14.86 6.22 9.69
C ILE A 240 14.93 6.53 11.17
N HIS A 241 16.13 6.87 11.64
CA HIS A 241 16.34 7.31 13.02
C HIS A 241 15.99 6.25 14.06
N GLN A 242 15.96 4.98 13.63
CA GLN A 242 15.59 3.89 14.53
C GLN A 242 16.60 3.76 15.67
N PRO A 243 16.11 3.36 16.85
CA PRO A 243 16.97 3.13 18.03
C PRO A 243 17.80 1.87 17.85
N TRP A 244 18.77 1.65 18.73
CA TRP A 244 19.61 0.46 18.67
C TRP A 244 18.82 -0.80 18.96
N TYR A 245 17.56 -0.65 19.37
CA TYR A 245 16.72 -1.80 19.67
C TYR A 245 15.68 -2.10 18.59
N PHE A 246 15.75 -1.38 17.47
CA PHE A 246 14.85 -1.66 16.35
C PHE A 246 15.11 -3.08 15.86
N THR A 247 16.33 -3.55 16.01
CA THR A 247 16.68 -4.90 15.59
C THR A 247 15.80 -5.91 16.31
N THR A 248 15.49 -5.63 17.57
CA THR A 248 14.63 -6.50 18.36
C THR A 248 13.23 -6.61 17.76
N THR A 249 12.72 -5.49 17.25
CA THR A 249 11.37 -5.44 16.68
C THR A 249 11.35 -5.96 15.25
N TYR A 250 12.47 -5.77 14.54
CA TYR A 250 12.64 -6.28 13.19
C TYR A 250 12.66 -7.80 13.20
N ASN A 251 13.41 -8.36 14.15
CA ASN A 251 13.58 -9.80 14.27
C ASN A 251 12.29 -10.53 14.61
N VAL A 252 11.31 -9.79 15.15
CA VAL A 252 10.01 -10.37 15.46
C VAL A 252 9.19 -10.53 14.18
N VAL A 253 9.27 -9.53 13.30
CA VAL A 253 8.53 -9.54 12.05
C VAL A 253 9.27 -10.31 10.97
N LYS A 254 10.60 -10.33 11.07
CA LYS A 254 11.44 -10.91 10.02
C LYS A 254 11.00 -12.29 9.54
N PRO A 255 10.51 -13.13 10.46
CA PRO A 255 10.04 -14.46 10.03
C PRO A 255 8.81 -14.39 9.11
N PHE A 256 7.94 -13.40 9.32
CA PHE A 256 6.71 -13.29 8.54
C PHE A 256 6.97 -12.92 7.09
N LEU A 257 7.92 -12.01 6.87
CA LEU A 257 8.14 -11.44 5.54
C LEU A 257 8.72 -12.44 4.53
N LYS A 258 8.02 -12.62 3.42
CA LYS A 258 8.54 -13.40 2.31
C LYS A 258 9.82 -12.74 1.80
N SER A 259 10.64 -13.50 1.10
CA SER A 259 11.91 -12.98 0.61
C SER A 259 11.73 -11.66 -0.14
N LYS A 260 10.79 -11.63 -1.07
CA LYS A 260 10.56 -10.43 -1.90
C LYS A 260 10.47 -9.16 -1.07
N LEU A 261 9.66 -9.21 -0.02
CA LEU A 261 9.44 -8.05 0.83
C LEU A 261 10.66 -7.72 1.69
N LEU A 262 11.28 -8.73 2.28
CA LEU A 262 12.48 -8.53 3.09
C LEU A 262 13.52 -7.74 2.31
N GLU A 263 13.83 -8.20 1.11
CA GLU A 263 14.83 -7.57 0.27
C GLU A 263 14.50 -6.11 -0.01
N ARG A 264 13.28 -5.71 0.36
CA ARG A 264 12.80 -4.35 0.09
C ARG A 264 12.78 -3.49 1.35
N VAL A 265 12.99 -4.11 2.50
CA VAL A 265 13.09 -3.34 3.73
C VAL A 265 14.46 -2.68 3.81
N PHE A 266 14.47 -1.39 4.10
CA PHE A 266 15.70 -0.62 4.14
C PHE A 266 15.83 0.19 5.44
N VAL A 267 16.84 -0.15 6.23
CA VAL A 267 17.11 0.60 7.46
C VAL A 267 18.36 1.46 7.26
N HIS A 268 18.15 2.77 7.21
CA HIS A 268 19.21 3.71 6.86
C HIS A 268 19.97 4.25 8.06
N GLY A 269 19.38 4.13 9.24
CA GLY A 269 19.97 4.74 10.42
C GLY A 269 19.92 6.24 10.29
N ASP A 270 21.10 6.86 10.17
CA ASP A 270 21.18 8.31 10.01
C ASP A 270 22.00 8.70 8.78
N ASP A 271 22.53 7.70 8.08
CA ASP A 271 23.29 7.95 6.86
C ASP A 271 22.35 7.95 5.65
N LEU A 272 21.79 9.11 5.34
CA LEU A 272 20.81 9.21 4.27
C LEU A 272 21.47 9.53 2.92
N SER A 273 22.78 9.30 2.84
CA SER A 273 23.52 9.53 1.60
C SER A 273 23.19 8.45 0.59
N GLY A 274 22.42 7.45 1.02
CA GLY A 274 21.94 6.40 0.15
C GLY A 274 20.43 6.37 0.14
N PHE A 275 19.84 7.19 1.01
CA PHE A 275 18.39 7.28 1.15
C PHE A 275 17.81 8.35 0.23
N TYR A 276 18.45 9.51 0.19
CA TYR A 276 17.94 10.64 -0.58
C TYR A 276 18.02 10.43 -2.09
N GLN A 277 18.77 9.40 -2.50
CA GLN A 277 18.84 9.05 -3.91
C GLN A 277 17.53 8.41 -4.34
N GLU A 278 16.94 7.64 -3.43
CA GLU A 278 15.66 6.99 -3.68
C GLU A 278 14.49 7.97 -3.47
N ILE A 279 14.54 8.71 -2.37
CA ILE A 279 13.51 9.69 -2.07
C ILE A 279 14.08 11.10 -1.98
N ASP A 280 13.59 11.99 -2.84
CA ASP A 280 14.08 13.36 -2.90
C ASP A 280 13.70 14.16 -1.66
N GLU A 281 14.72 14.63 -0.93
CA GLU A 281 14.51 15.45 0.24
C GLU A 281 13.55 16.60 -0.05
N ASN A 282 13.53 17.02 -1.31
CA ASN A 282 12.78 18.18 -1.73
C ASN A 282 11.26 18.03 -1.56
N ILE A 283 10.76 16.80 -1.68
CA ILE A 283 9.32 16.56 -1.61
C ILE A 283 8.87 16.07 -0.23
N LEU A 284 9.79 16.00 0.72
CA LEU A 284 9.49 15.47 2.05
C LEU A 284 9.19 16.56 3.08
N PRO A 285 8.17 16.34 3.92
CA PRO A 285 7.87 17.24 5.04
C PRO A 285 9.05 17.30 6.00
N SER A 286 9.11 18.30 6.85
CA SER A 286 10.18 18.42 7.83
C SER A 286 10.22 17.19 8.73
N ASP A 287 9.05 16.60 8.96
CA ASP A 287 8.92 15.44 9.82
C ASP A 287 9.86 14.31 9.39
N PHE A 288 10.14 14.22 8.10
CA PHE A 288 10.96 13.13 7.59
C PHE A 288 12.25 13.64 6.96
N GLY A 289 12.78 14.73 7.51
CA GLY A 289 14.07 15.26 7.10
C GLY A 289 14.06 16.10 5.84
N GLY A 290 12.86 16.41 5.34
CA GLY A 290 12.73 17.16 4.11
C GLY A 290 12.60 18.65 4.31
N THR A 291 12.39 19.37 3.21
CA THR A 291 12.26 20.82 3.25
C THR A 291 10.83 21.25 3.58
N LEU A 292 9.86 20.54 3.01
CA LEU A 292 8.46 20.90 3.15
C LEU A 292 7.98 21.06 4.59
N PRO A 293 6.87 21.80 4.78
CA PRO A 293 6.25 22.02 6.09
C PRO A 293 5.82 20.71 6.75
N LYS A 294 5.77 20.70 8.07
CA LYS A 294 5.38 19.52 8.82
C LYS A 294 4.08 18.94 8.28
N TYR A 295 4.06 17.62 8.09
CA TYR A 295 2.94 16.93 7.47
C TYR A 295 1.58 17.43 7.96
N ASP A 296 0.66 17.64 7.01
CA ASP A 296 -0.70 18.07 7.34
C ASP A 296 -1.71 16.98 7.00
N GLY A 297 -2.38 16.46 8.03
CA GLY A 297 -3.36 15.42 7.84
C GLY A 297 -4.68 15.93 7.31
N LYS A 298 -5.05 17.14 7.74
CA LYS A 298 -6.31 17.75 7.31
C LYS A 298 -6.34 17.92 5.80
N ALA A 299 -5.26 18.44 5.23
CA ALA A 299 -5.16 18.63 3.79
C ALA A 299 -5.42 17.34 3.05
N VAL A 300 -4.59 16.34 3.31
CA VAL A 300 -4.73 15.04 2.67
C VAL A 300 -6.15 14.48 2.80
N ALA A 301 -6.61 14.35 4.04
CA ALA A 301 -7.93 13.79 4.32
C ALA A 301 -9.04 14.43 3.47
N GLU A 302 -8.99 15.75 3.32
CA GLU A 302 -10.01 16.46 2.55
C GLU A 302 -10.07 15.96 1.12
N GLN A 303 -8.91 15.85 0.49
CA GLN A 303 -8.83 15.36 -0.89
C GLN A 303 -9.40 13.95 -0.98
N LEU A 304 -9.27 13.18 0.10
CA LEU A 304 -9.87 11.86 0.15
C LEU A 304 -11.38 11.95 0.11
N PHE A 305 -11.92 12.90 0.87
CA PHE A 305 -13.36 13.13 0.94
C PHE A 305 -13.71 14.27 1.89
C1 RET B . 6.43 -4.23 8.77
C2 RET B . 7.05 -4.90 7.56
C3 RET B . 8.24 -4.27 7.13
C4 RET B . 9.33 -4.57 8.07
C5 RET B . 9.03 -4.27 9.54
C6 RET B . 7.52 -3.75 9.86
C7 RET B . 7.14 -3.23 11.27
C8 RET B . 6.75 -1.93 11.46
C9 RET B . 6.55 -1.25 12.85
C10 RET B . 5.08 -0.91 13.08
C11 RET B . 4.76 0.09 14.18
C12 RET B . 3.93 1.12 14.00
C13 RET B . 2.98 1.14 12.79
C14 RET B . 3.50 1.96 11.58
C15 RET B . 2.64 2.06 10.33
O1 RET B . 3.19 2.63 9.18
C16 RET B . 5.57 -3.03 8.38
C17 RET B . 5.44 -5.22 9.37
C18 RET B . 10.18 -3.90 10.50
C19 RET B . 7.08 -2.10 14.00
C20 RET B . 1.49 1.31 13.12
O1 TLA C . 8.79 -7.15 -9.14
O11 TLA C . 8.50 -5.46 -7.71
C1 TLA C . 8.05 -6.57 -8.41
C2 TLA C . 6.55 -6.74 -8.60
O2 TLA C . 5.89 -5.50 -8.53
C3 TLA C . 5.93 -7.73 -7.63
O3 TLA C . 6.78 -8.81 -7.35
C4 TLA C . 5.44 -6.98 -6.40
O4 TLA C . 6.18 -6.20 -5.90
O41 TLA C . 4.06 -6.80 -6.24
#